data_5DGH
#
_entry.id   5DGH
#
_cell.length_a   87.900
_cell.length_b   110.340
_cell.length_c   41.253
_cell.angle_alpha   90.00
_cell.angle_beta   90.00
_cell.angle_gamma   90.00
#
_symmetry.space_group_name_H-M   'P 21 21 21'
#
loop_
_entity.id
_entity.type
_entity.pdbx_description
1 polymer 'Inositol hexakisphosphate and diphosphoinositol-pentakisphosphate kinase 2'
2 non-polymer 'PHOSPHOAMINOPHOSPHONIC ACID-ADENYLATE ESTER'
3 non-polymer 'Methylenebisphosphonate inositol pentakisphosphate'
4 non-polymer 'MAGNESIUM ION'
5 non-polymer 1,2-ETHANEDIOL
6 non-polymer 'ACETATE ION'
7 water water
#
_entity_poly.entity_id   1
_entity_poly.type   'polypeptide(L)'
_entity_poly.pdbx_seq_one_letter_code
;GSFTERQIVVGICSMAKKSKSKPMKEILERISLFKYITVVVFEEEVILNEPVENWPLCDCLISFHSKGFPLDKAVAYAKL
RNPFVINDLNMQYLIQDRREVYSILQAEGILLPRYAILNRDPNNPKECNLIEGEDHVEVNGEVFQKPFVEKPVSAEDHNV
YIYYPTSAGGGSQRLFRKIGSRSSVYSPESNVRKTGSYIYEEFMPTDGTDVKVYTVGPDYAHAEARKSPALDGKVERDSE
GKEVRYPVILNAREKLIAWKVCLAFKQTVCGFDLLRANGQSYVCDVNGFSFVKNSMKYYDDCAKILGNIVMRELAPQFHI
PWSIPLEAED
;
_entity_poly.pdbx_strand_id   A
#
# COMPACT_ATOMS: atom_id res chain seq x y z
N GLN A 7 -24.36 -21.03 -8.44
CA GLN A 7 -23.06 -20.60 -7.81
C GLN A 7 -22.66 -19.15 -8.11
N ILE A 8 -22.29 -18.43 -7.05
CA ILE A 8 -21.77 -17.07 -7.18
C ILE A 8 -20.33 -17.19 -7.63
N VAL A 9 -19.94 -16.40 -8.63
CA VAL A 9 -18.55 -16.50 -9.12
C VAL A 9 -17.72 -15.33 -8.58
N VAL A 10 -16.64 -15.66 -7.86
CA VAL A 10 -15.67 -14.66 -7.44
C VAL A 10 -14.49 -14.74 -8.41
N GLY A 11 -14.30 -13.68 -9.17
CA GLY A 11 -13.20 -13.59 -10.14
C GLY A 11 -12.00 -12.85 -9.56
N ILE A 12 -10.81 -13.42 -9.79
CA ILE A 12 -9.57 -12.82 -9.33
C ILE A 12 -8.77 -12.31 -10.52
N CYS A 13 -8.57 -11.00 -10.58
CA CYS A 13 -7.92 -10.36 -11.71
C CYS A 13 -6.68 -9.52 -11.30
N SER A 14 -5.49 -10.12 -11.44
CA SER A 14 -4.22 -9.45 -11.13
C SER A 14 -3.07 -10.19 -11.80
N MET A 15 -1.87 -9.63 -11.72
CA MET A 15 -0.70 -10.28 -12.30
C MET A 15 -0.45 -11.63 -11.64
N ALA A 16 0.21 -12.54 -12.38
CA ALA A 16 0.39 -13.92 -11.92
C ALA A 16 1.26 -13.97 -10.66
N LYS A 17 2.18 -13.02 -10.54
CA LYS A 17 3.07 -12.98 -9.38
C LYS A 17 2.25 -12.76 -8.10
N LYS A 18 1.11 -12.07 -8.24
CA LYS A 18 0.18 -11.85 -7.14
C LYS A 18 -0.87 -12.99 -7.03
N SER A 19 -1.42 -13.41 -8.18
CA SER A 19 -2.48 -14.42 -8.25
C SER A 19 -1.99 -15.78 -7.81
N LYS A 20 -0.71 -16.05 -8.05
CA LYS A 20 -0.11 -17.32 -7.66
C LYS A 20 0.76 -17.18 -6.43
N SER A 21 0.73 -16.04 -5.75
CA SER A 21 1.45 -15.92 -4.49
C SER A 21 0.89 -16.91 -3.46
N LYS A 22 1.73 -17.27 -2.49
CA LYS A 22 1.35 -18.16 -1.41
C LYS A 22 0.13 -17.63 -0.64
N PRO A 23 0.16 -16.35 -0.17
CA PRO A 23 -1.04 -15.85 0.54
C PRO A 23 -2.31 -15.96 -0.30
N MET A 24 -2.22 -15.62 -1.58
CA MET A 24 -3.40 -15.67 -2.45
C MET A 24 -3.93 -17.11 -2.57
N LYS A 25 -3.06 -18.07 -2.82
CA LYS A 25 -3.54 -19.45 -3.00
C LYS A 25 -4.21 -19.96 -1.73
N GLU A 26 -3.61 -19.63 -0.57
CA GLU A 26 -4.13 -20.03 0.73
C GLU A 26 -5.53 -19.47 0.97
N ILE A 27 -5.73 -18.19 0.63
CA ILE A 27 -7.01 -17.54 0.88
C ILE A 27 -8.06 -18.01 -0.09
N LEU A 28 -7.71 -18.09 -1.38
CA LEU A 28 -8.63 -18.60 -2.38
C LEU A 28 -9.12 -20.03 -2.06
N GLU A 29 -8.21 -20.89 -1.62
CA GLU A 29 -8.60 -22.25 -1.19
C GLU A 29 -9.70 -22.20 -0.14
N ARG A 30 -9.58 -21.28 0.80
CA ARG A 30 -10.55 -21.17 1.90
C ARG A 30 -11.86 -20.56 1.43
N ILE A 31 -11.77 -19.56 0.55
CA ILE A 31 -12.97 -18.95 -0.03
C ILE A 31 -13.79 -20.00 -0.81
N SER A 32 -13.09 -20.87 -1.55
CA SER A 32 -13.77 -21.98 -2.29
C SER A 32 -14.56 -22.92 -1.37
N LEU A 33 -14.27 -22.92 -0.07
CA LEU A 33 -14.99 -23.77 0.88
C LEU A 33 -16.43 -23.33 1.07
N PHE A 34 -16.71 -22.06 0.83
CA PHE A 34 -18.08 -21.55 0.86
C PHE A 34 -18.89 -22.37 -0.16
N LYS A 35 -20.05 -22.86 0.29
CA LYS A 35 -20.89 -23.79 -0.47
C LYS A 35 -21.32 -23.17 -1.79
N TYR A 36 -21.70 -21.91 -1.76
CA TYR A 36 -22.24 -21.25 -2.95
C TYR A 36 -21.28 -20.36 -3.76
N ILE A 37 -19.99 -20.50 -3.49
CA ILE A 37 -18.97 -19.67 -4.14
C ILE A 37 -18.00 -20.55 -4.92
N THR A 38 -17.78 -20.17 -6.18
CA THR A 38 -16.69 -20.70 -7.03
C THR A 38 -15.70 -19.58 -7.36
N VAL A 39 -14.42 -19.90 -7.29
CA VAL A 39 -13.36 -18.93 -7.55
C VAL A 39 -12.85 -19.15 -8.96
N VAL A 40 -12.71 -18.08 -9.72
CA VAL A 40 -12.10 -18.15 -11.05
C VAL A 40 -10.93 -17.17 -11.05
N VAL A 41 -9.73 -17.68 -11.27
CA VAL A 41 -8.54 -16.82 -11.37
C VAL A 41 -8.27 -16.51 -12.84
N PHE A 42 -8.32 -15.22 -13.24
CA PHE A 42 -8.06 -14.84 -14.62
C PHE A 42 -6.59 -15.10 -14.95
N GLU A 43 -6.31 -15.83 -16.04
CA GLU A 43 -4.91 -16.08 -16.47
C GLU A 43 -4.18 -14.77 -16.81
N GLU A 44 -2.92 -14.62 -16.41
CA GLU A 44 -2.18 -13.39 -16.81
C GLU A 44 -2.20 -13.13 -18.33
N GLU A 45 -2.07 -14.20 -19.11
CA GLU A 45 -2.00 -14.09 -20.57
C GLU A 45 -3.31 -13.53 -21.12
N VAL A 46 -4.42 -13.96 -20.51
CA VAL A 46 -5.74 -13.43 -20.89
C VAL A 46 -5.83 -11.95 -20.52
N ILE A 47 -5.42 -11.62 -19.29
CA ILE A 47 -5.45 -10.24 -18.82
C ILE A 47 -4.66 -9.31 -19.76
N LEU A 48 -3.46 -9.72 -20.14
CA LEU A 48 -2.62 -8.87 -20.99
C LEU A 48 -3.05 -8.87 -22.45
N ASN A 49 -3.28 -10.06 -23.01
CA ASN A 49 -3.45 -10.23 -24.47
C ASN A 49 -4.89 -10.31 -25.01
N GLU A 50 -5.83 -10.78 -24.20
CA GLU A 50 -7.24 -10.84 -24.60
C GLU A 50 -7.97 -9.53 -24.34
N PRO A 51 -8.86 -9.13 -25.26
CA PRO A 51 -9.72 -7.97 -25.02
C PRO A 51 -10.66 -8.28 -23.86
N VAL A 52 -11.14 -7.25 -23.17
CA VAL A 52 -11.96 -7.47 -21.96
C VAL A 52 -13.25 -8.26 -22.20
N GLU A 53 -13.83 -8.13 -23.40
CA GLU A 53 -15.05 -8.83 -23.78
C GLU A 53 -14.88 -10.35 -23.74
N ASN A 54 -13.63 -10.84 -23.79
CA ASN A 54 -13.36 -12.28 -23.74
C ASN A 54 -12.94 -12.77 -22.33
N TRP A 55 -12.77 -11.86 -21.39
CA TRP A 55 -12.40 -12.23 -20.02
C TRP A 55 -13.53 -13.04 -19.37
N PRO A 56 -13.19 -13.92 -18.40
CA PRO A 56 -14.28 -14.70 -17.80
C PRO A 56 -15.30 -13.81 -17.10
N LEU A 57 -16.54 -14.26 -17.04
CA LEU A 57 -17.54 -13.58 -16.22
C LEU A 57 -17.30 -13.85 -14.73
N CYS A 58 -17.74 -12.92 -13.88
CA CYS A 58 -17.80 -13.16 -12.46
C CYS A 58 -18.90 -12.29 -11.87
N ASP A 59 -19.34 -12.62 -10.66
CA ASP A 59 -20.37 -11.82 -9.99
C ASP A 59 -19.71 -10.81 -9.06
N CYS A 60 -18.57 -11.23 -8.53
CA CYS A 60 -17.79 -10.39 -7.65
C CYS A 60 -16.35 -10.39 -8.19
N LEU A 61 -15.80 -9.20 -8.31
CA LEU A 61 -14.46 -9.04 -8.87
C LEU A 61 -13.51 -8.49 -7.80
N ILE A 62 -12.46 -9.25 -7.57
CA ILE A 62 -11.36 -8.85 -6.75
C ILE A 62 -10.21 -8.57 -7.74
N SER A 63 -9.85 -7.31 -7.88
CA SER A 63 -8.85 -6.95 -8.90
C SER A 63 -8.01 -5.82 -8.38
N PHE A 64 -6.72 -5.87 -8.67
CA PHE A 64 -5.80 -4.87 -8.14
C PHE A 64 -4.53 -4.71 -8.98
N HIS A 65 -4.14 -3.45 -9.13
CA HIS A 65 -2.97 -3.07 -9.87
C HIS A 65 -1.67 -3.42 -9.12
N SER A 66 -0.69 -3.88 -9.86
CA SER A 66 0.71 -3.92 -9.42
C SER A 66 1.52 -3.73 -10.67
N LYS A 67 2.84 -3.64 -10.55
CA LYS A 67 3.69 -3.34 -11.70
C LYS A 67 3.31 -4.20 -12.92
N GLY A 68 3.03 -3.55 -14.04
CA GLY A 68 2.70 -4.25 -15.28
C GLY A 68 1.23 -4.54 -15.50
N PHE A 69 0.38 -4.27 -14.50
CA PHE A 69 -1.07 -4.54 -14.64
C PHE A 69 -1.78 -3.52 -15.50
N PRO A 70 -2.61 -3.97 -16.47
CA PRO A 70 -3.36 -3.02 -17.29
C PRO A 70 -4.66 -2.58 -16.61
N LEU A 71 -4.54 -1.61 -15.70
CA LEU A 71 -5.64 -1.08 -14.92
C LEU A 71 -6.75 -0.52 -15.79
N ASP A 72 -6.37 0.06 -16.93
CA ASP A 72 -7.34 0.52 -17.91
C ASP A 72 -8.29 -0.59 -18.30
N LYS A 73 -7.73 -1.74 -18.61
CA LYS A 73 -8.56 -2.89 -18.99
C LYS A 73 -9.49 -3.36 -17.84
N ALA A 74 -8.98 -3.37 -16.61
CA ALA A 74 -9.76 -3.83 -15.46
C ALA A 74 -10.98 -2.94 -15.27
N VAL A 75 -10.77 -1.62 -15.36
CA VAL A 75 -11.85 -0.65 -15.31
C VAL A 75 -12.88 -0.91 -16.41
N ALA A 76 -12.39 -1.15 -17.63
CA ALA A 76 -13.26 -1.42 -18.79
C ALA A 76 -14.04 -2.69 -18.61
N TYR A 77 -13.39 -3.72 -18.08
CA TYR A 77 -14.09 -4.95 -17.72
C TYR A 77 -15.20 -4.72 -16.71
N ALA A 78 -14.92 -3.95 -15.64
CA ALA A 78 -15.89 -3.72 -14.59
C ALA A 78 -17.05 -2.92 -15.13
N LYS A 79 -16.73 -1.91 -15.93
CA LYS A 79 -17.76 -1.12 -16.59
C LYS A 79 -18.66 -2.01 -17.47
N LEU A 80 -18.05 -2.94 -18.21
CA LEU A 80 -18.79 -3.86 -19.09
C LEU A 80 -19.68 -4.86 -18.35
N ARG A 81 -19.15 -5.47 -17.28
CA ARG A 81 -19.86 -6.60 -16.68
C ARG A 81 -20.61 -6.24 -15.42
N ASN A 82 -20.34 -5.04 -14.91
CA ASN A 82 -20.93 -4.55 -13.67
C ASN A 82 -20.91 -5.53 -12.47
N PRO A 83 -19.73 -6.13 -12.16
CA PRO A 83 -19.72 -7.00 -10.98
C PRO A 83 -19.70 -6.22 -9.68
N PHE A 84 -19.94 -6.90 -8.57
CA PHE A 84 -19.68 -6.34 -7.24
C PHE A 84 -18.17 -6.25 -7.06
N VAL A 85 -17.67 -5.03 -6.90
CA VAL A 85 -16.22 -4.79 -6.82
C VAL A 85 -15.75 -4.63 -5.37
N ILE A 86 -14.81 -5.48 -4.97
CA ILE A 86 -14.29 -5.52 -3.59
C ILE A 86 -13.31 -4.34 -3.38
N ASN A 87 -12.35 -4.21 -4.29
CA ASN A 87 -11.43 -3.09 -4.26
C ASN A 87 -11.69 -2.19 -5.45
N ASP A 88 -12.18 -0.99 -5.18
CA ASP A 88 -12.49 -0.02 -6.25
C ASP A 88 -11.30 0.17 -7.17
N LEU A 89 -11.55 0.12 -8.48
CA LEU A 89 -10.48 0.21 -9.46
C LEU A 89 -10.01 1.64 -9.75
N ASN A 90 -10.94 2.59 -9.83
CA ASN A 90 -10.56 3.97 -10.14
C ASN A 90 -9.66 4.61 -9.10
N MET A 91 -9.91 4.28 -7.83
CA MET A 91 -9.05 4.70 -6.71
C MET A 91 -7.61 4.19 -6.87
N GLN A 92 -7.43 3.09 -7.59
CA GLN A 92 -6.07 2.52 -7.76
C GLN A 92 -5.14 3.37 -8.65
N TYR A 93 -5.74 4.27 -9.43
CA TYR A 93 -4.93 5.29 -10.13
C TYR A 93 -4.38 6.27 -9.14
N LEU A 94 -5.23 6.73 -8.21
CA LEU A 94 -4.84 7.68 -7.19
C LEU A 94 -3.82 7.08 -6.23
N ILE A 95 -4.01 5.80 -5.88
CA ILE A 95 -3.09 5.11 -4.97
C ILE A 95 -1.66 5.06 -5.54
N GLN A 96 -1.52 5.18 -6.87
CA GLN A 96 -0.17 5.17 -7.49
C GLN A 96 0.57 6.51 -7.33
N ASP A 97 -0.13 7.52 -6.82
CA ASP A 97 0.44 8.87 -6.71
C ASP A 97 0.44 9.34 -5.26
N ARG A 98 1.63 9.51 -4.68
CA ARG A 98 1.73 9.83 -3.22
C ARG A 98 1.02 11.15 -2.87
N ARG A 99 1.04 12.11 -3.81
CA ARG A 99 0.34 13.37 -3.61
C ARG A 99 -1.16 13.14 -3.47
N GLU A 100 -1.71 12.22 -4.25
CA GLU A 100 -3.15 11.93 -4.20
C GLU A 100 -3.49 11.20 -2.92
N VAL A 101 -2.64 10.26 -2.56
CA VAL A 101 -2.80 9.53 -1.28
C VAL A 101 -2.85 10.49 -0.10
N TYR A 102 -1.86 11.38 -0.04
CA TYR A 102 -1.74 12.32 1.06
C TYR A 102 -2.93 13.30 1.20
N SER A 103 -3.42 13.75 0.05
CA SER A 103 -4.55 14.66 -0.04
C SER A 103 -5.80 14.00 0.55
N ILE A 104 -6.05 12.75 0.14
CA ILE A 104 -7.16 11.96 0.71
C ILE A 104 -7.03 11.81 2.23
N LEU A 105 -5.82 11.47 2.70
CA LEU A 105 -5.59 11.26 4.13
C LEU A 105 -5.92 12.55 4.92
N GLN A 106 -5.52 13.69 4.36
CA GLN A 106 -5.80 14.99 4.95
C GLN A 106 -7.30 15.29 5.01
N ALA A 107 -8.00 15.16 3.88
CA ALA A 107 -9.46 15.35 3.86
C ALA A 107 -10.14 14.51 4.95
N GLU A 108 -9.57 13.34 5.23
CA GLU A 108 -10.13 12.42 6.20
C GLU A 108 -9.73 12.67 7.65
N GLY A 109 -8.98 13.74 7.90
CA GLY A 109 -8.59 14.08 9.26
C GLY A 109 -7.64 13.06 9.87
N ILE A 110 -6.87 12.39 9.01
CA ILE A 110 -5.92 11.36 9.45
C ILE A 110 -4.55 12.02 9.64
N LEU A 111 -3.91 11.75 10.78
CA LEU A 111 -2.60 12.33 11.04
C LEU A 111 -1.58 11.72 10.09
N LEU A 112 -0.77 12.59 9.47
CA LEU A 112 0.34 12.15 8.62
C LEU A 112 1.51 13.12 8.83
N PRO A 113 2.75 12.76 8.41
CA PRO A 113 3.85 13.69 8.67
C PRO A 113 3.60 15.03 7.98
N ARG A 114 4.06 16.12 8.57
CA ARG A 114 3.99 17.41 7.90
C ARG A 114 4.80 17.29 6.61
N TYR A 115 4.23 17.77 5.51
CA TYR A 115 4.85 17.55 4.20
C TYR A 115 4.65 18.69 3.21
N ALA A 116 5.46 18.69 2.16
CA ALA A 116 5.35 19.67 1.07
C ALA A 116 5.73 19.02 -0.26
N ILE A 117 5.08 19.45 -1.32
CA ILE A 117 5.27 18.82 -2.63
C ILE A 117 6.21 19.68 -3.48
N LEU A 118 7.18 19.03 -4.11
CA LEU A 118 8.03 19.71 -5.09
C LEU A 118 7.85 19.10 -6.48
N ASN A 119 7.02 19.75 -7.30
CA ASN A 119 6.79 19.32 -8.65
C ASN A 119 7.76 19.99 -9.60
N ARG A 120 8.30 19.21 -10.53
CA ARG A 120 9.13 19.73 -11.60
C ARG A 120 8.53 19.34 -12.93
N ASP A 121 7.83 20.27 -13.58
CA ASP A 121 7.41 20.06 -14.95
C ASP A 121 8.69 20.01 -15.78
N PRO A 122 8.99 18.86 -16.41
CA PRO A 122 10.31 18.63 -17.01
C PRO A 122 10.63 19.69 -18.06
N ASN A 123 9.62 20.01 -18.87
CA ASN A 123 9.70 21.02 -19.92
C ASN A 123 9.87 22.44 -19.38
N ASN A 124 9.19 22.75 -18.27
CA ASN A 124 9.25 24.08 -17.63
C ASN A 124 10.66 24.62 -17.44
N PRO A 125 10.85 25.96 -17.57
CA PRO A 125 12.16 26.55 -17.30
C PRO A 125 12.53 26.25 -15.85
N LYS A 126 13.55 25.41 -15.66
CA LYS A 126 13.81 24.82 -14.34
C LYS A 126 14.25 25.80 -13.24
N GLU A 127 13.28 26.59 -12.78
CA GLU A 127 13.40 27.33 -11.53
C GLU A 127 12.43 26.70 -10.52
N CYS A 128 12.90 25.64 -9.87
CA CYS A 128 12.11 24.95 -8.85
C CYS A 128 11.84 25.86 -7.64
N ASN A 129 10.79 25.53 -6.90
CA ASN A 129 10.44 26.25 -5.69
C ASN A 129 11.21 25.67 -4.51
N LEU A 130 12.50 25.43 -4.74
CA LEU A 130 13.36 24.74 -3.78
C LEU A 130 14.60 25.52 -3.46
N ILE A 131 14.80 25.76 -2.17
CA ILE A 131 16.06 26.28 -1.66
C ILE A 131 16.66 25.25 -0.73
N GLU A 132 17.95 24.98 -0.92
CA GLU A 132 18.68 24.02 -0.13
C GLU A 132 19.76 24.68 0.74
N GLY A 133 19.72 24.41 2.03
CA GLY A 133 20.80 24.78 2.92
C GLY A 133 21.58 23.53 3.25
N GLU A 134 22.67 23.73 3.99
CA GLU A 134 23.50 22.66 4.56
C GLU A 134 22.67 21.64 5.34
N ASP A 135 21.68 22.12 6.11
CA ASP A 135 20.93 21.32 7.08
C ASP A 135 19.42 21.50 6.99
N HIS A 136 18.93 21.97 5.85
CA HIS A 136 17.50 22.07 5.68
C HIS A 136 17.18 22.23 4.21
N VAL A 137 15.91 22.05 3.88
CA VAL A 137 15.41 22.50 2.60
C VAL A 137 14.19 23.41 2.82
N GLU A 138 13.92 24.24 1.83
N GLU A 138 13.92 24.23 1.82
CA GLU A 138 12.72 25.07 1.84
CA GLU A 138 12.75 25.06 1.80
C GLU A 138 11.93 24.74 0.58
C GLU A 138 11.94 24.71 0.56
N VAL A 139 10.71 24.23 0.78
CA VAL A 139 9.88 23.78 -0.33
C VAL A 139 8.66 24.67 -0.38
N ASN A 140 8.53 25.43 -1.48
CA ASN A 140 7.54 26.51 -1.57
C ASN A 140 7.46 27.34 -0.29
N GLY A 141 8.60 27.76 0.24
CA GLY A 141 8.64 28.56 1.47
C GLY A 141 8.60 27.79 2.77
N GLU A 142 8.28 26.49 2.70
CA GLU A 142 8.19 25.69 3.91
C GLU A 142 9.50 25.00 4.27
N VAL A 143 9.88 25.12 5.53
CA VAL A 143 11.19 24.71 6.00
C VAL A 143 11.17 23.28 6.61
N PHE A 144 12.09 22.45 6.15
CA PHE A 144 12.28 21.11 6.70
C PHE A 144 13.71 20.96 7.16
N GLN A 145 13.86 20.91 8.47
CA GLN A 145 15.17 20.72 9.09
C GLN A 145 15.51 19.26 8.97
N LYS A 146 16.78 18.99 8.72
CA LYS A 146 17.26 17.61 8.72
C LYS A 146 17.18 17.10 10.16
N PRO A 147 16.75 15.85 10.37
CA PRO A 147 16.45 14.88 9.29
C PRO A 147 15.09 15.10 8.64
N PHE A 148 15.05 15.02 7.32
CA PHE A 148 13.78 14.97 6.59
C PHE A 148 13.78 13.81 5.62
N VAL A 149 12.61 13.51 5.05
CA VAL A 149 12.39 12.38 4.13
C VAL A 149 11.96 12.91 2.75
N GLU A 150 12.50 12.29 1.71
CA GLU A 150 12.27 12.69 0.32
C GLU A 150 11.72 11.49 -0.44
N LYS A 151 10.47 11.58 -0.89
CA LYS A 151 9.78 10.47 -1.52
C LYS A 151 9.42 10.81 -2.96
N PRO A 152 9.73 9.91 -3.93
CA PRO A 152 9.23 10.16 -5.27
C PRO A 152 7.70 10.21 -5.29
N VAL A 153 7.14 11.06 -6.15
CA VAL A 153 5.69 11.22 -6.17
C VAL A 153 5.01 9.92 -6.65
N SER A 154 5.73 9.13 -7.42
CA SER A 154 5.23 7.81 -7.76
C SER A 154 5.35 6.85 -6.57
N ALA A 155 4.21 6.35 -6.09
CA ALA A 155 4.15 5.41 -4.99
C ALA A 155 4.82 4.07 -5.33
N GLU A 156 4.94 3.78 -6.62
CA GLU A 156 5.61 2.59 -7.13
C GLU A 156 7.13 2.71 -7.08
N ASP A 157 7.60 3.94 -6.86
CA ASP A 157 9.05 4.19 -6.79
C ASP A 157 9.48 4.17 -5.32
N HIS A 158 10.19 3.10 -4.94
CA HIS A 158 10.59 2.87 -3.55
C HIS A 158 11.97 3.49 -3.18
N ASN A 159 12.47 4.35 -4.07
CA ASN A 159 13.76 5.02 -3.80
C ASN A 159 13.53 6.24 -2.92
N VAL A 160 13.20 5.94 -1.67
CA VAL A 160 12.90 6.96 -0.68
C VAL A 160 14.23 7.26 0.01
N TYR A 161 14.57 8.56 0.13
CA TYR A 161 15.81 8.98 0.77
C TYR A 161 15.53 9.73 2.06
N ILE A 162 16.40 9.52 3.03
CA ILE A 162 16.38 10.22 4.29
C ILE A 162 17.71 11.00 4.39
N TYR A 163 17.65 12.26 4.78
CA TYR A 163 18.84 13.12 4.82
C TYR A 163 19.17 13.47 6.28
N TYR A 164 20.38 13.13 6.71
CA TYR A 164 20.80 13.31 8.10
C TYR A 164 21.38 14.69 8.38
N PRO A 165 21.13 15.22 9.58
CA PRO A 165 21.74 16.51 9.92
C PRO A 165 23.26 16.40 10.05
N THR A 166 23.96 17.51 9.83
CA THR A 166 25.40 17.59 10.09
C THR A 166 25.76 17.02 11.47
N SER A 167 24.91 17.23 12.47
CA SER A 167 25.17 16.77 13.82
C SER A 167 25.13 15.24 14.01
N ALA A 168 24.68 14.54 12.98
CA ALA A 168 24.70 13.07 12.99
C ALA A 168 25.67 12.58 11.93
N GLY A 169 26.47 13.50 11.41
CA GLY A 169 27.45 13.17 10.41
C GLY A 169 27.00 13.37 8.97
N GLY A 170 25.84 13.99 8.76
CA GLY A 170 25.37 14.26 7.40
C GLY A 170 25.21 13.03 6.51
N GLY A 171 25.18 13.26 5.20
CA GLY A 171 24.92 12.19 4.24
C GLY A 171 23.45 11.79 4.20
N SER A 172 23.18 10.61 3.68
CA SER A 172 21.80 10.20 3.42
C SER A 172 21.65 8.70 3.54
N GLN A 173 20.41 8.24 3.74
CA GLN A 173 20.07 6.82 3.72
C GLN A 173 19.16 6.60 2.53
N ARG A 174 19.57 5.72 1.61
CA ARG A 174 18.80 5.49 0.39
C ARG A 174 18.08 4.17 0.51
N LEU A 175 16.75 4.24 0.57
CA LEU A 175 15.93 3.03 0.71
C LEU A 175 15.59 2.46 -0.68
N PHE A 176 15.30 1.17 -0.72
CA PHE A 176 14.87 0.51 -1.96
C PHE A 176 14.09 -0.76 -1.64
N ARG A 177 13.33 -1.23 -2.62
CA ARG A 177 12.62 -2.49 -2.53
C ARG A 177 13.71 -3.50 -2.22
N LYS A 178 13.55 -4.16 -1.06
CA LYS A 178 14.39 -5.24 -0.52
C LYS A 178 15.19 -6.06 -1.56
N ILE A 179 16.50 -6.11 -1.39
CA ILE A 179 17.37 -6.97 -2.21
C ILE A 179 18.09 -7.89 -1.22
N GLY A 180 17.54 -9.09 -1.01
CA GLY A 180 18.12 -10.08 -0.10
C GLY A 180 18.35 -9.55 1.30
N SER A 181 19.61 -9.39 1.69
CA SER A 181 19.95 -9.00 3.07
C SER A 181 19.70 -7.52 3.39
N ARG A 182 19.26 -6.74 2.41
CA ARG A 182 19.32 -5.28 2.54
C ARG A 182 18.10 -4.50 1.99
N SER A 183 17.71 -3.44 2.69
CA SER A 183 16.57 -2.61 2.29
C SER A 183 16.95 -1.11 2.22
N SER A 184 18.16 -0.75 2.69
CA SER A 184 18.71 0.58 2.46
C SER A 184 20.23 0.58 2.54
N VAL A 185 20.85 1.63 2.02
CA VAL A 185 22.28 1.82 2.19
C VAL A 185 22.63 3.30 2.45
N TYR A 186 23.65 3.51 3.29
CA TYR A 186 24.15 4.85 3.57
C TYR A 186 24.88 5.45 2.37
N SER A 187 24.66 6.73 2.10
CA SER A 187 25.43 7.44 1.07
C SER A 187 26.04 8.69 1.70
N PRO A 188 27.32 9.00 1.40
CA PRO A 188 27.88 10.26 1.90
C PRO A 188 27.22 11.51 1.30
N GLU A 189 26.39 11.34 0.26
CA GLU A 189 25.71 12.46 -0.39
C GLU A 189 24.73 13.17 0.55
N SER A 190 24.85 14.49 0.63
CA SER A 190 24.06 15.32 1.54
C SER A 190 23.06 16.21 0.81
N ASN A 191 23.25 16.39 -0.49
CA ASN A 191 22.39 17.23 -1.31
C ASN A 191 21.20 16.47 -1.86
N VAL A 192 20.01 17.07 -1.80
CA VAL A 192 18.78 16.43 -2.32
C VAL A 192 18.83 16.13 -3.82
N ARG A 193 17.92 15.28 -4.30
CA ARG A 193 17.89 14.97 -5.70
C ARG A 193 17.42 16.19 -6.49
N LYS A 194 18.02 16.43 -7.65
CA LYS A 194 17.74 17.64 -8.43
C LYS A 194 16.87 17.41 -9.66
N THR A 195 16.71 16.15 -10.07
CA THR A 195 15.76 15.84 -11.13
C THR A 195 14.61 15.02 -10.57
N GLY A 196 13.39 15.26 -11.06
CA GLY A 196 12.21 14.56 -10.57
C GLY A 196 11.31 15.38 -9.67
N SER A 197 10.12 14.88 -9.38
CA SER A 197 9.21 15.52 -8.42
C SER A 197 9.11 14.67 -7.15
N TYR A 198 9.06 15.34 -5.99
CA TYR A 198 9.15 14.67 -4.71
C TYR A 198 8.25 15.29 -3.69
N ILE A 199 7.93 14.49 -2.68
CA ILE A 199 7.35 14.97 -1.44
C ILE A 199 8.44 15.01 -0.40
N TYR A 200 8.53 16.13 0.32
CA TYR A 200 9.43 16.24 1.44
C TYR A 200 8.60 16.17 2.70
N GLU A 201 9.02 15.36 3.66
CA GLU A 201 8.29 15.29 4.87
C GLU A 201 9.20 15.28 6.07
N GLU A 202 8.65 15.74 7.18
CA GLU A 202 9.36 15.70 8.45
C GLU A 202 9.55 14.25 8.88
N PHE A 203 10.71 13.98 9.47
CA PHE A 203 11.07 12.66 9.89
C PHE A 203 10.42 12.40 11.25
N MET A 204 9.64 11.32 11.34
CA MET A 204 8.96 10.96 12.57
C MET A 204 9.82 9.97 13.36
N PRO A 205 10.23 10.36 14.59
CA PRO A 205 11.03 9.46 15.43
C PRO A 205 10.19 8.29 15.94
N THR A 206 10.58 7.06 15.62
CA THR A 206 9.85 5.89 16.13
C THR A 206 10.84 5.12 17.00
N ASP A 207 10.44 3.96 17.51
CA ASP A 207 11.36 3.12 18.27
C ASP A 207 12.28 2.29 17.37
N GLY A 208 12.25 2.57 16.05
CA GLY A 208 13.04 1.81 15.08
C GLY A 208 12.25 0.78 14.26
N THR A 209 10.97 0.66 14.57
CA THR A 209 10.06 -0.22 13.79
C THR A 209 8.95 0.54 13.06
N ASP A 210 8.46 -0.05 11.98
CA ASP A 210 7.28 0.42 11.24
C ASP A 210 6.13 -0.48 11.63
N VAL A 211 4.91 0.06 11.69
CA VAL A 211 3.74 -0.79 11.89
C VAL A 211 3.01 -0.94 10.55
N LYS A 212 2.87 -2.18 10.13
CA LYS A 212 2.21 -2.50 8.88
C LYS A 212 0.80 -3.02 9.17
N VAL A 213 -0.20 -2.35 8.59
CA VAL A 213 -1.60 -2.69 8.87
C VAL A 213 -2.26 -3.25 7.61
N TYR A 214 -3.05 -4.30 7.79
CA TYR A 214 -3.70 -4.99 6.70
C TYR A 214 -5.19 -5.11 7.05
N THR A 215 -6.04 -4.45 6.27
CA THR A 215 -7.48 -4.45 6.53
C THR A 215 -8.18 -5.53 5.70
N VAL A 216 -9.28 -6.04 6.21
CA VAL A 216 -10.18 -6.83 5.40
C VAL A 216 -11.55 -6.30 5.71
N GLY A 217 -11.96 -5.30 4.93
CA GLY A 217 -13.12 -4.49 5.30
C GLY A 217 -12.71 -3.59 6.48
N PRO A 218 -13.59 -2.64 6.86
CA PRO A 218 -13.19 -1.59 7.77
C PRO A 218 -13.22 -1.96 9.23
N ASP A 219 -13.79 -3.12 9.55
CA ASP A 219 -13.85 -3.62 10.92
C ASP A 219 -12.88 -4.76 11.22
N TYR A 220 -11.89 -4.97 10.36
CA TYR A 220 -10.89 -6.00 10.60
C TYR A 220 -9.55 -5.48 10.12
N ALA A 221 -8.56 -5.49 11.01
CA ALA A 221 -7.22 -5.02 10.67
C ALA A 221 -6.18 -5.81 11.44
N HIS A 222 -5.32 -6.51 10.72
CA HIS A 222 -4.17 -7.17 11.35
C HIS A 222 -2.97 -6.23 11.25
N ALA A 223 -2.22 -6.09 12.33
CA ALA A 223 -1.02 -5.26 12.32
C ALA A 223 0.20 -6.08 12.74
N GLU A 224 1.37 -5.62 12.31
CA GLU A 224 2.64 -6.24 12.68
C GLU A 224 3.71 -5.18 12.52
N ALA A 225 4.84 -5.35 13.17
CA ALA A 225 5.92 -4.37 13.09
C ALA A 225 7.15 -5.04 12.48
N ARG A 226 7.94 -4.24 11.78
CA ARG A 226 9.24 -4.68 11.27
C ARG A 226 10.21 -3.55 11.47
N LYS A 227 11.49 -3.89 11.53
CA LYS A 227 12.58 -2.93 11.63
C LYS A 227 12.48 -1.92 10.51
N SER A 228 12.58 -0.63 10.81
CA SER A 228 12.54 0.37 9.77
C SER A 228 13.75 0.21 8.83
N PRO A 229 13.52 0.23 7.51
CA PRO A 229 14.64 0.27 6.54
C PRO A 229 15.51 1.52 6.73
N ALA A 230 14.94 2.55 7.34
CA ALA A 230 15.63 3.81 7.54
C ALA A 230 16.69 3.74 8.64
N LEU A 231 16.74 2.62 9.37
CA LEU A 231 17.79 2.39 10.37
C LEU A 231 19.11 2.19 9.64
N ASP A 232 19.61 0.96 9.59
CA ASP A 232 20.89 0.72 8.90
C ASP A 232 20.71 -0.02 7.58
N GLY A 233 19.56 -0.66 7.39
CA GLY A 233 19.26 -1.27 6.09
C GLY A 233 19.50 -2.77 6.02
N LYS A 234 20.10 -3.35 7.06
CA LYS A 234 20.24 -4.80 7.15
C LYS A 234 18.90 -5.44 7.53
N VAL A 235 18.37 -6.28 6.63
CA VAL A 235 17.11 -6.99 6.87
C VAL A 235 17.32 -8.13 7.88
N GLU A 236 16.47 -8.21 8.90
CA GLU A 236 16.48 -9.33 9.85
C GLU A 236 15.67 -10.49 9.26
N ARG A 237 16.29 -11.65 9.10
CA ARG A 237 15.60 -12.82 8.55
C ARG A 237 15.63 -14.01 9.52
N ASP A 238 14.59 -14.85 9.45
CA ASP A 238 14.49 -16.04 10.30
C ASP A 238 15.18 -17.24 9.66
N SER A 239 15.18 -18.37 10.39
CA SER A 239 15.78 -19.62 9.92
C SER A 239 15.19 -20.09 8.58
N GLU A 240 14.05 -19.54 8.21
CA GLU A 240 13.41 -19.84 6.93
C GLU A 240 13.60 -18.75 5.87
N GLY A 241 14.47 -17.78 6.15
CA GLY A 241 14.78 -16.70 5.21
C GLY A 241 13.66 -15.69 5.02
N LYS A 242 12.71 -15.65 5.95
CA LYS A 242 11.65 -14.65 5.89
C LYS A 242 11.87 -13.54 6.91
N GLU A 243 11.53 -12.32 6.52
CA GLU A 243 11.81 -11.14 7.35
C GLU A 243 11.15 -11.27 8.71
N VAL A 244 11.90 -10.98 9.77
CA VAL A 244 11.39 -10.99 11.14
C VAL A 244 10.29 -9.93 11.33
N ARG A 245 9.14 -10.39 11.85
CA ARG A 245 7.99 -9.54 12.20
C ARG A 245 7.81 -9.56 13.72
N TYR A 246 7.25 -8.48 14.26
CA TYR A 246 7.00 -8.36 15.70
C TYR A 246 5.50 -8.16 15.92
N PRO A 247 4.94 -8.75 17.00
CA PRO A 247 3.50 -8.65 17.26
C PRO A 247 3.05 -7.22 17.53
N VAL A 248 1.88 -6.86 17.02
CA VAL A 248 1.30 -5.56 17.29
C VAL A 248 -0.20 -5.75 17.57
N ILE A 249 -0.72 -4.94 18.50
CA ILE A 249 -2.16 -4.82 18.71
C ILE A 249 -2.47 -3.35 18.54
N LEU A 250 -3.40 -3.03 17.65
CA LEU A 250 -3.75 -1.63 17.43
C LEU A 250 -4.57 -1.07 18.61
N ASN A 251 -4.31 0.17 19.02
CA ASN A 251 -5.18 0.85 20.00
C ASN A 251 -6.44 1.37 19.32
N ALA A 252 -7.36 1.95 20.11
CA ALA A 252 -8.65 2.42 19.60
C ALA A 252 -8.51 3.45 18.48
N ARG A 253 -7.65 4.46 18.67
CA ARG A 253 -7.35 5.43 17.60
C ARG A 253 -6.87 4.74 16.30
N GLU A 254 -6.04 3.71 16.43
CA GLU A 254 -5.44 3.09 15.25
C GLU A 254 -6.44 2.24 14.49
N LYS A 255 -7.30 1.54 15.22
CA LYS A 255 -8.38 0.76 14.60
C LYS A 255 -9.31 1.69 13.84
N LEU A 256 -9.45 2.91 14.36
CA LEU A 256 -10.25 3.92 13.64
C LEU A 256 -9.53 4.40 12.38
N ILE A 257 -8.23 4.60 12.47
CA ILE A 257 -7.45 4.95 11.28
C ILE A 257 -7.67 3.87 10.20
N ALA A 258 -7.62 2.59 10.57
CA ALA A 258 -7.76 1.47 9.61
C ALA A 258 -9.14 1.52 8.93
N TRP A 259 -10.17 1.70 9.77
CA TRP A 259 -11.55 1.91 9.29
C TRP A 259 -11.63 3.05 8.26
N LYS A 260 -11.07 4.22 8.58
CA LYS A 260 -11.08 5.35 7.65
C LYS A 260 -10.31 5.11 6.36
N VAL A 261 -9.13 4.50 6.45
CA VAL A 261 -8.29 4.28 5.27
C VAL A 261 -9.03 3.33 4.33
N CYS A 262 -9.52 2.22 4.87
CA CYS A 262 -10.25 1.22 4.07
C CYS A 262 -11.44 1.86 3.33
N LEU A 263 -12.25 2.62 4.06
CA LEU A 263 -13.38 3.28 3.44
C LEU A 263 -13.01 4.43 2.51
N ALA A 264 -12.06 5.28 2.91
CA ALA A 264 -11.75 6.46 2.11
C ALA A 264 -11.14 6.05 0.77
N PHE A 265 -10.36 4.98 0.79
CA PHE A 265 -9.72 4.53 -0.45
C PHE A 265 -10.56 3.48 -1.20
N LYS A 266 -11.67 3.06 -0.60
CA LYS A 266 -12.59 2.05 -1.17
C LYS A 266 -11.83 0.75 -1.50
N GLN A 267 -10.89 0.40 -0.63
CA GLN A 267 -10.11 -0.84 -0.80
C GLN A 267 -10.47 -1.73 0.37
N THR A 268 -11.39 -2.66 0.14
CA THR A 268 -11.76 -3.63 1.17
C THR A 268 -10.50 -4.27 1.77
N VAL A 269 -9.59 -4.74 0.91
CA VAL A 269 -8.34 -5.34 1.35
C VAL A 269 -7.30 -4.24 1.15
N CYS A 270 -6.73 -3.74 2.24
CA CYS A 270 -5.86 -2.58 2.13
C CYS A 270 -4.68 -2.63 3.07
N GLY A 271 -3.47 -2.52 2.51
CA GLY A 271 -2.28 -2.37 3.34
C GLY A 271 -1.90 -0.90 3.48
N PHE A 272 -1.52 -0.51 4.70
CA PHE A 272 -0.93 0.81 4.95
C PHE A 272 0.06 0.78 6.12
N ASP A 273 0.92 1.80 6.18
CA ASP A 273 1.91 1.85 7.24
C ASP A 273 1.67 2.97 8.20
N LEU A 274 1.88 2.64 9.47
CA LEU A 274 1.82 3.58 10.57
C LEU A 274 3.19 3.81 11.19
N LEU A 275 3.49 5.05 11.54
CA LEU A 275 4.67 5.38 12.35
C LEU A 275 4.20 5.79 13.74
N ARG A 276 4.59 5.02 14.76
CA ARG A 276 4.21 5.37 16.13
C ARG A 276 5.27 6.29 16.69
N ALA A 277 4.91 7.57 16.82
CA ALA A 277 5.86 8.61 17.20
C ALA A 277 5.16 9.68 18.00
N ASN A 278 5.88 10.25 18.97
CA ASN A 278 5.38 11.40 19.73
C ASN A 278 4.00 11.13 20.33
N GLY A 279 3.83 9.92 20.85
CA GLY A 279 2.55 9.46 21.40
C GLY A 279 1.37 9.35 20.46
N GLN A 280 1.59 9.47 19.16
CA GLN A 280 0.51 9.36 18.15
C GLN A 280 0.86 8.33 17.04
N SER A 281 -0.06 8.15 16.11
CA SER A 281 0.19 7.25 14.99
C SER A 281 -0.05 7.95 13.67
N TYR A 282 1.00 8.01 12.85
CA TYR A 282 0.95 8.71 11.59
C TYR A 282 0.98 7.75 10.39
N VAL A 283 0.04 7.91 9.46
CA VAL A 283 0.09 7.17 8.20
C VAL A 283 1.13 7.78 7.27
N CYS A 284 2.07 6.98 6.79
CA CYS A 284 3.05 7.53 5.85
C CYS A 284 2.97 6.92 4.43
N ASP A 285 2.03 5.98 4.20
CA ASP A 285 2.01 5.20 2.98
C ASP A 285 0.71 4.38 2.94
N VAL A 286 0.00 4.42 1.82
CA VAL A 286 -1.17 3.57 1.66
C VAL A 286 -0.97 2.74 0.42
N ASN A 287 -0.84 1.43 0.59
CA ASN A 287 -0.42 0.60 -0.54
C ASN A 287 -1.57 0.01 -1.34
N GLY A 288 -2.77 -0.06 -0.75
CA GLY A 288 -3.85 -0.76 -1.45
C GLY A 288 -3.72 -2.24 -1.22
N PHE A 289 -4.19 -3.03 -2.17
CA PHE A 289 -4.40 -4.48 -1.96
C PHE A 289 -3.12 -5.17 -1.48
N SER A 290 -3.22 -5.82 -0.32
CA SER A 290 -2.11 -6.57 0.22
C SER A 290 -2.60 -7.56 1.26
N PHE A 291 -2.07 -8.78 1.19
CA PHE A 291 -2.33 -9.83 2.18
C PHE A 291 -1.22 -9.93 3.23
N VAL A 292 -1.58 -10.29 4.47
CA VAL A 292 -0.59 -10.71 5.46
C VAL A 292 0.08 -12.00 4.94
N LYS A 293 1.40 -12.09 5.07
CA LYS A 293 2.15 -13.28 4.64
C LYS A 293 2.44 -14.20 5.82
N ASN A 294 2.28 -15.50 5.61
CA ASN A 294 2.66 -16.52 6.60
C ASN A 294 1.97 -16.43 7.97
N SER A 295 0.70 -16.03 7.95
CA SER A 295 -0.17 -16.19 9.10
C SER A 295 -1.40 -17.01 8.69
N MET A 296 -1.50 -18.22 9.24
N MET A 296 -1.47 -18.24 9.22
CA MET A 296 -2.61 -19.11 8.94
CA MET A 296 -2.60 -19.15 9.00
C MET A 296 -3.93 -18.54 9.47
C MET A 296 -3.91 -18.54 9.47
N LYS A 297 -3.87 -17.89 10.63
CA LYS A 297 -5.04 -17.25 11.22
C LYS A 297 -5.55 -16.10 10.32
N TYR A 298 -4.64 -15.30 9.78
CA TYR A 298 -5.03 -14.28 8.79
C TYR A 298 -5.76 -14.94 7.59
N TYR A 299 -5.20 -16.03 7.06
CA TYR A 299 -5.82 -16.71 5.93
C TYR A 299 -7.27 -17.11 6.26
N ASP A 300 -7.45 -17.73 7.42
CA ASP A 300 -8.78 -18.12 7.92
C ASP A 300 -9.73 -16.93 8.01
N ASP A 301 -9.26 -15.89 8.70
CA ASP A 301 -10.07 -14.69 8.92
C ASP A 301 -10.43 -13.99 7.62
N CYS A 302 -9.43 -13.80 6.77
CA CYS A 302 -9.61 -13.00 5.57
C CYS A 302 -10.57 -13.70 4.58
N ALA A 303 -10.39 -15.01 4.42
CA ALA A 303 -11.24 -15.78 3.52
C ALA A 303 -12.71 -15.78 4.00
N LYS A 304 -12.90 -15.92 5.32
CA LYS A 304 -14.23 -15.94 5.92
C LYS A 304 -14.90 -14.58 5.79
N ILE A 305 -14.15 -13.51 6.05
CA ILE A 305 -14.72 -12.17 5.92
C ILE A 305 -15.12 -11.90 4.46
N LEU A 306 -14.25 -12.24 3.51
CA LEU A 306 -14.51 -11.94 2.11
C LEU A 306 -15.68 -12.78 1.62
N GLY A 307 -15.68 -14.07 1.96
CA GLY A 307 -16.83 -14.93 1.66
C GLY A 307 -18.12 -14.39 2.24
N ASN A 308 -18.08 -13.93 3.49
CA ASN A 308 -19.26 -13.32 4.12
C ASN A 308 -19.71 -12.02 3.43
N ILE A 309 -18.74 -11.20 3.04
CA ILE A 309 -19.04 -9.98 2.30
C ILE A 309 -19.78 -10.34 1.00
N VAL A 310 -19.25 -11.34 0.28
CA VAL A 310 -19.84 -11.81 -0.99
C VAL A 310 -21.26 -12.36 -0.76
N MET A 311 -21.43 -13.23 0.21
CA MET A 311 -22.74 -13.80 0.54
C MET A 311 -23.75 -12.72 0.90
N ARG A 312 -23.40 -11.85 1.85
CA ARG A 312 -24.31 -10.78 2.27
C ARG A 312 -24.73 -9.92 1.09
N GLU A 313 -23.77 -9.55 0.25
CA GLU A 313 -24.10 -8.71 -0.89
C GLU A 313 -24.93 -9.41 -1.95
N LEU A 314 -24.69 -10.70 -2.18
CA LEU A 314 -25.22 -11.32 -3.40
C LEU A 314 -26.20 -12.49 -3.22
N ALA A 315 -26.33 -13.00 -1.99
CA ALA A 315 -27.24 -14.11 -1.74
C ALA A 315 -28.70 -13.77 -2.13
N PRO A 316 -29.17 -12.53 -1.86
CA PRO A 316 -30.57 -12.22 -2.17
C PRO A 316 -30.97 -12.44 -3.64
N GLN A 317 -30.27 -11.80 -4.56
CA GLN A 317 -30.56 -11.93 -5.99
C GLN A 317 -30.29 -13.35 -6.52
N PHE A 318 -29.47 -14.12 -5.80
CA PHE A 318 -29.23 -15.51 -6.17
C PHE A 318 -30.20 -16.46 -5.46
N HIS A 319 -31.06 -15.88 -4.63
CA HIS A 319 -32.05 -16.62 -3.85
C HIS A 319 -31.38 -17.74 -3.05
N ILE A 320 -30.35 -17.38 -2.30
CA ILE A 320 -29.61 -18.32 -1.45
C ILE A 320 -29.85 -17.94 0.00
N PRO A 321 -30.17 -18.94 0.87
CA PRO A 321 -30.33 -18.62 2.29
C PRO A 321 -29.04 -18.06 2.89
N TRP A 322 -29.12 -16.87 3.49
CA TRP A 322 -27.98 -16.33 4.23
C TRP A 322 -28.35 -15.53 5.49
N SER A 323 -27.62 -15.80 6.57
CA SER A 323 -27.76 -15.05 7.82
C SER A 323 -26.48 -14.27 8.15
#